data_9MYP
#
_entry.id   9MYP
#
_cell.length_a   38.654
_cell.length_b   106.955
_cell.length_c   131.402
_cell.angle_alpha   90.000
_cell.angle_beta   90.000
_cell.angle_gamma   90.000
#
_symmetry.space_group_name_H-M   'P 21 21 21'
#
loop_
_entity.id
_entity.type
_entity.pdbx_description
1 polymer 'HORMA domain-containing protein'
2 non-polymer 'ZINC ION'
3 non-polymer 'NICKEL (II) ION'
4 water water
#
_entity_poly.entity_id   1
_entity_poly.type   'polypeptide(L)'
_entity_poly.pdbx_seq_one_letter_code
;MKSSHHHHHHENLYFQSNANIVRCPCGCNEDDGLMIRCEECKLWQHAVCFAIISEDDAPEQHVCNQCAKIVPRHMKPTDP
YLTTLAPVVLQATCLWRRALLAATEMDRILVPNFSRRLGVEITVAHGLINRLEKEGYCQNAKGKRLGRLVNKEKLKSEGF
K(MLY)YFEKK
;
_entity_poly.pdbx_strand_id   A,C,B
#
loop_
_chem_comp.id
_chem_comp.type
_chem_comp.name
_chem_comp.formula
NI non-polymer 'NICKEL (II) ION' 'Ni 2'
ZN non-polymer 'ZINC ION' 'Zn 2'
#
# COMPACT_ATOMS: atom_id res chain seq x y z
N MET A 1 -26.71 5.73 2.33
CA MET A 1 -26.43 6.46 1.08
C MET A 1 -25.49 5.64 0.17
N LYS A 2 -24.86 6.29 -0.82
CA LYS A 2 -23.91 5.64 -1.71
C LYS A 2 -22.50 6.13 -1.40
N SER A 3 -21.51 5.26 -1.61
CA SER A 3 -20.11 5.55 -1.30
C SER A 3 -19.30 5.69 -2.59
N SER A 4 -18.71 6.87 -2.79
CA SER A 4 -17.87 7.18 -3.94
C SER A 4 -17.23 8.54 -3.69
N HIS A 5 -16.13 8.78 -4.41
CA HIS A 5 -15.34 9.97 -4.10
C HIS A 5 -16.15 11.23 -4.41
N HIS A 6 -15.71 12.31 -3.81
CA HIS A 6 -16.41 13.60 -3.84
C HIS A 6 -15.51 14.63 -3.16
N HIS A 7 -15.96 15.88 -3.13
CA HIS A 7 -15.13 16.95 -2.63
C HIS A 7 -15.93 17.95 -1.82
N HIS A 8 -15.37 18.36 -0.68
CA HIS A 8 -15.92 19.38 0.19
C HIS A 8 -14.88 20.53 0.23
N HIS A 9 -15.11 21.55 -0.59
CA HIS A 9 -14.15 22.64 -0.64
C HIS A 9 -14.18 23.46 0.64
N HIS A 10 -15.38 23.62 1.22
CA HIS A 10 -15.58 24.09 2.58
C HIS A 10 -16.44 23.06 3.30
N GLU A 11 -16.47 23.16 4.63
CA GLU A 11 -17.18 22.16 5.42
C GLU A 11 -18.68 22.15 5.16
N ASN A 12 -19.25 23.24 4.62
CA ASN A 12 -20.68 23.24 4.34
C ASN A 12 -21.02 22.99 2.88
N LEU A 13 -20.06 22.47 2.09
CA LEU A 13 -20.24 22.18 0.68
C LEU A 13 -20.12 20.69 0.41
N TYR A 14 -20.81 20.26 -0.62
CA TYR A 14 -20.64 18.91 -1.16
C TYR A 14 -20.72 18.97 -2.69
N PHE A 15 -19.71 18.46 -3.36
CA PHE A 15 -19.67 18.36 -4.81
C PHE A 15 -19.33 16.93 -5.21
N GLN A 16 -20.09 16.38 -6.14
CA GLN A 16 -19.76 15.14 -6.81
C GLN A 16 -20.22 15.26 -8.25
N SER A 17 -19.41 14.74 -9.17
CA SER A 17 -19.77 14.77 -10.58
C SER A 17 -19.15 13.58 -11.28
N ASN A 18 -19.90 12.96 -12.19
CA ASN A 18 -19.35 11.84 -12.93
C ASN A 18 -18.23 12.25 -13.89
N ALA A 19 -18.03 13.56 -14.10
CA ALA A 19 -16.93 14.07 -14.89
C ALA A 19 -15.59 14.00 -14.15
N ASN A 20 -15.62 13.98 -12.83
CA ASN A 20 -14.36 13.93 -12.07
C ASN A 20 -13.97 12.47 -11.84
N ILE A 21 -13.53 11.81 -12.92
CA ILE A 21 -13.27 10.38 -12.90
C ILE A 21 -11.97 10.05 -12.20
N VAL A 22 -11.72 8.76 -11.97
CA VAL A 22 -10.40 8.28 -11.64
C VAL A 22 -9.59 8.12 -12.93
N ARG A 23 -8.40 8.71 -12.94
CA ARG A 23 -7.55 8.65 -14.15
C ARG A 23 -6.12 8.61 -13.61
N CYS A 24 -5.56 7.44 -13.50
CA CYS A 24 -4.32 7.16 -12.79
C CYS A 24 -3.43 6.32 -13.67
N PRO A 25 -2.10 6.46 -13.56
CA PRO A 25 -1.20 5.70 -14.46
C PRO A 25 -1.28 4.17 -14.28
N CYS A 26 -1.82 3.68 -13.17
CA CYS A 26 -2.03 2.22 -13.07
C CYS A 26 -3.09 1.70 -14.04
N GLY A 27 -3.90 2.57 -14.58
CA GLY A 27 -4.94 2.11 -15.49
C GLY A 27 -6.22 1.60 -14.86
N CYS A 28 -6.32 1.60 -13.54
CA CYS A 28 -7.55 1.22 -12.86
C CYS A 28 -8.39 2.46 -12.58
N ASN A 29 -9.65 2.46 -13.01
CA ASN A 29 -10.47 3.67 -12.85
C ASN A 29 -11.48 3.59 -11.71
N GLU A 30 -11.17 2.81 -10.68
CA GLU A 30 -12.08 2.70 -9.55
C GLU A 30 -11.42 3.23 -8.29
N ASP A 31 -12.25 3.73 -7.38
CA ASP A 31 -11.76 4.12 -6.05
C ASP A 31 -11.23 2.89 -5.34
N ASP A 32 -10.19 3.06 -4.56
CA ASP A 32 -9.59 1.92 -3.88
C ASP A 32 -8.62 2.53 -2.88
N GLY A 33 -8.91 2.36 -1.59
CA GLY A 33 -8.06 2.94 -0.60
C GLY A 33 -8.04 4.47 -0.64
N LEU A 34 -6.89 5.01 -0.27
CA LEU A 34 -6.65 6.45 -0.20
C LEU A 34 -6.58 7.04 -1.61
N MET A 35 -7.55 7.90 -1.93
CA MET A 35 -7.59 8.60 -3.20
C MET A 35 -7.23 10.07 -2.99
N ILE A 36 -6.61 10.67 -4.01
CA ILE A 36 -6.13 12.04 -3.96
C ILE A 36 -6.55 12.74 -5.24
N ARG A 37 -6.95 13.97 -5.14
CA ARG A 37 -7.46 14.72 -6.28
C ARG A 37 -6.44 15.75 -6.77
N CYS A 38 -6.20 15.74 -8.06
CA CYS A 38 -5.20 16.60 -8.65
C CYS A 38 -5.66 18.06 -8.67
N GLU A 39 -4.76 18.94 -8.25
CA GLU A 39 -5.09 20.35 -8.15
C GLU A 39 -5.40 20.96 -9.51
N GLU A 40 -4.82 20.42 -10.56
CA GLU A 40 -4.88 21.05 -11.86
C GLU A 40 -6.07 20.51 -12.65
N CYS A 41 -6.15 19.17 -12.81
CA CYS A 41 -7.16 18.60 -13.70
C CYS A 41 -8.41 18.18 -12.94
N LYS A 42 -8.36 18.20 -11.60
CA LYS A 42 -9.44 17.82 -10.69
C LYS A 42 -9.90 16.39 -10.87
N LEU A 43 -9.07 15.55 -11.47
CA LEU A 43 -9.36 14.12 -11.56
C LEU A 43 -8.64 13.41 -10.43
N TRP A 44 -9.00 12.14 -10.23
CA TRP A 44 -8.59 11.39 -9.05
C TRP A 44 -7.57 10.29 -9.37
N GLN A 45 -6.62 10.11 -8.44
CA GLN A 45 -5.61 9.09 -8.54
C GLN A 45 -5.56 8.31 -7.23
N HIS A 46 -5.07 7.08 -7.29
CA HIS A 46 -4.73 6.32 -6.08
C HIS A 46 -3.46 6.89 -5.48
N ALA A 47 -3.53 7.31 -4.21
CA ALA A 47 -2.36 7.86 -3.56
C ALA A 47 -1.17 6.89 -3.67
N VAL A 48 -1.41 5.56 -3.57
CA VAL A 48 -0.31 4.63 -3.52
C VAL A 48 0.43 4.58 -4.86
N CYS A 49 -0.27 4.85 -5.95
CA CYS A 49 0.34 4.89 -7.27
C CYS A 49 1.39 6.00 -7.35
N PHE A 50 1.31 6.99 -6.47
CA PHE A 50 2.24 8.10 -6.40
C PHE A 50 3.14 7.97 -5.19
N ALA A 51 3.21 6.77 -4.63
CA ALA A 51 4.08 6.41 -3.52
C ALA A 51 3.68 7.13 -2.25
N ILE A 52 2.41 7.43 -2.10
CA ILE A 52 1.85 8.03 -0.88
C ILE A 52 1.17 6.91 -0.12
N ILE A 53 1.68 6.58 1.06
CA ILE A 53 1.08 5.51 1.83
C ILE A 53 0.65 5.95 3.22
N SER A 54 0.53 7.25 3.46
CA SER A 54 0.01 7.75 4.71
C SER A 54 -0.71 9.06 4.42
N GLU A 55 -1.94 9.19 4.91
CA GLU A 55 -2.68 10.43 4.64
C GLU A 55 -1.98 11.63 5.26
N ASP A 56 -1.11 11.45 6.26
CA ASP A 56 -0.32 12.58 6.75
C ASP A 56 0.88 12.94 5.85
N ASP A 57 1.34 12.03 5.00
CA ASP A 57 2.41 12.31 4.05
C ASP A 57 1.90 12.89 2.72
N ALA A 58 0.62 12.98 2.54
CA ALA A 58 0.09 13.42 1.26
C ALA A 58 0.26 14.93 1.12
N PRO A 59 0.67 15.40 -0.05
CA PRO A 59 0.81 16.84 -0.27
C PRO A 59 -0.53 17.54 -0.31
N GLU A 60 -0.52 18.82 0.11
CA GLU A 60 -1.76 19.57 0.07
C GLU A 60 -2.07 20.01 -1.35
N GLN A 61 -1.05 20.12 -2.20
CA GLN A 61 -1.24 20.35 -3.63
C GLN A 61 -0.73 19.12 -4.38
N HIS A 62 -1.64 18.33 -4.90
CA HIS A 62 -1.29 17.13 -5.65
C HIS A 62 -1.27 17.50 -7.12
N VAL A 63 -0.20 17.13 -7.78
CA VAL A 63 -0.05 17.31 -9.22
C VAL A 63 0.20 15.92 -9.79
N CYS A 64 -0.70 15.46 -10.64
CA CYS A 64 -0.65 14.11 -11.20
C CYS A 64 0.37 14.05 -12.33
N ASN A 65 0.53 12.84 -12.89
CA ASN A 65 1.59 12.63 -13.87
C ASN A 65 1.26 13.30 -15.19
N GLN A 66 -0.03 13.27 -15.59
CA GLN A 66 -0.44 13.97 -16.81
C GLN A 66 -0.18 15.48 -16.69
N CYS A 67 -0.49 16.04 -15.54
CA CYS A 67 -0.40 17.49 -15.34
C CYS A 67 1.02 17.94 -15.10
N ALA A 68 1.93 17.03 -14.73
CA ALA A 68 3.29 17.43 -14.40
C ALA A 68 3.95 18.20 -15.54
N LYS A 69 3.69 17.82 -16.77
CA LYS A 69 4.33 18.50 -17.87
C LYS A 69 3.62 19.81 -18.30
N ILE A 70 2.60 20.30 -17.58
CA ILE A 70 1.90 21.49 -18.06
C ILE A 70 1.65 22.54 -17.00
N VAL A 71 1.88 22.21 -15.75
CA VAL A 71 1.69 23.20 -14.69
C VAL A 71 2.95 24.06 -14.59
N PRO A 72 2.85 25.27 -14.05
CA PRO A 72 4.07 26.06 -13.81
C PRO A 72 4.99 25.38 -12.81
N ARG A 73 6.22 25.89 -12.73
CA ARG A 73 7.25 25.24 -11.93
C ARG A 73 6.89 25.20 -10.45
N HIS A 74 6.25 26.24 -9.94
CA HIS A 74 6.03 26.26 -8.49
C HIS A 74 5.13 25.11 -8.03
N MET A 75 4.35 24.52 -8.94
CA MET A 75 3.57 23.31 -8.64
C MET A 75 4.43 22.08 -8.94
N LYS A 76 4.94 21.48 -7.93
CA LYS A 76 5.80 20.33 -8.11
C LYS A 76 4.96 19.07 -8.35
N PRO A 77 5.37 18.22 -9.29
CA PRO A 77 4.73 16.90 -9.38
C PRO A 77 4.85 16.12 -8.08
N THR A 78 3.78 15.38 -7.75
CA THR A 78 3.81 14.57 -6.54
C THR A 78 4.90 13.50 -6.59
N ASP A 79 5.13 12.89 -7.74
CA ASP A 79 6.17 11.84 -7.83
C ASP A 79 6.96 12.07 -9.11
N PRO A 80 8.04 12.86 -9.00
CA PRO A 80 8.84 13.17 -10.20
C PRO A 80 9.37 11.93 -10.87
N TYR A 81 9.63 10.87 -10.10
CA TYR A 81 10.14 9.65 -10.69
C TYR A 81 9.30 9.16 -11.83
N LEU A 82 7.96 9.23 -11.66
CA LEU A 82 7.06 8.71 -12.70
C LEU A 82 7.22 9.46 -14.01
N THR A 83 7.67 10.72 -13.96
CA THR A 83 7.74 11.45 -15.22
C THR A 83 8.82 10.92 -16.15
N THR A 84 9.78 10.16 -15.59
CA THR A 84 10.89 9.62 -16.37
C THR A 84 10.61 8.25 -16.98
N LEU A 85 9.46 7.65 -16.69
CA LEU A 85 9.28 6.24 -17.02
C LEU A 85 8.62 6.10 -18.38
N ALA A 86 9.04 5.07 -19.11
CA ALA A 86 8.36 4.74 -20.36
C ALA A 86 6.93 4.29 -20.04
N PRO A 87 5.97 4.54 -20.96
CA PRO A 87 4.56 4.23 -20.65
C PRO A 87 4.26 2.82 -20.13
N VAL A 88 4.83 1.78 -20.74
CA VAL A 88 4.51 0.43 -20.25
C VAL A 88 5.18 0.21 -18.90
N VAL A 89 6.34 0.82 -18.69
CA VAL A 89 6.98 0.73 -17.40
C VAL A 89 6.17 1.48 -16.36
N LEU A 90 5.65 2.64 -16.73
CA LEU A 90 4.91 3.48 -15.79
C LEU A 90 3.69 2.75 -15.24
N GLN A 91 2.92 2.11 -16.13
CA GLN A 91 1.75 1.37 -15.67
C GLN A 91 2.11 0.18 -14.78
N ALA A 92 3.14 -0.56 -15.17
CA ALA A 92 3.64 -1.68 -14.35
C ALA A 92 4.15 -1.22 -12.99
N THR A 93 4.84 -0.08 -12.93
CA THR A 93 5.34 0.39 -11.64
C THR A 93 4.19 0.80 -10.70
N CYS A 94 3.21 1.52 -11.22
CA CYS A 94 2.09 1.89 -10.35
C CYS A 94 1.30 0.67 -9.93
N LEU A 95 1.10 -0.28 -10.82
CA LEU A 95 0.40 -1.52 -10.43
C LEU A 95 1.17 -2.28 -9.36
N TRP A 96 2.50 -2.31 -9.47
CA TRP A 96 3.30 -2.96 -8.44
C TRP A 96 3.06 -2.31 -7.08
N ARG A 97 3.04 -0.98 -7.03
CA ARG A 97 2.78 -0.30 -5.79
C ARG A 97 1.41 -0.68 -5.24
N ARG A 98 0.40 -0.74 -6.09
CA ARG A 98 -0.93 -1.16 -5.63
C ARG A 98 -0.88 -2.57 -5.05
N ALA A 99 -0.09 -3.45 -5.70
CA ALA A 99 -0.01 -4.85 -5.28
C ALA A 99 0.65 -4.95 -3.92
N LEU A 100 1.63 -4.09 -3.66
CA LEU A 100 2.34 -4.18 -2.40
C LEU A 100 1.43 -3.79 -1.27
N LEU A 101 0.67 -2.71 -1.46
CA LEU A 101 -0.28 -2.27 -0.44
C LEU A 101 -1.41 -3.27 -0.30
N ALA A 102 -1.90 -3.82 -1.42
CA ALA A 102 -3.00 -4.79 -1.36
C ALA A 102 -2.57 -6.05 -0.61
N ALA A 103 -1.34 -6.50 -0.82
CA ALA A 103 -0.88 -7.73 -0.18
C ALA A 103 -0.88 -7.61 1.34
N THR A 104 -0.70 -6.39 1.88
CA THR A 104 -0.68 -6.22 3.31
C THR A 104 -2.03 -6.52 3.96
N GLU A 105 -3.11 -6.62 3.20
CA GLU A 105 -4.43 -6.93 3.76
C GLU A 105 -4.74 -8.43 3.70
N MET A 106 -3.83 -9.23 3.19
CA MET A 106 -4.12 -10.64 3.01
C MET A 106 -3.18 -11.49 3.85
N ASP A 107 -3.73 -12.56 4.45
CA ASP A 107 -2.83 -13.54 5.05
C ASP A 107 -2.26 -14.47 4.00
N ARG A 108 -3.04 -14.78 2.98
CA ARG A 108 -2.65 -15.65 1.89
C ARG A 108 -3.15 -15.07 0.58
N ILE A 109 -2.37 -15.29 -0.47
CA ILE A 109 -2.67 -14.80 -1.79
C ILE A 109 -3.07 -15.97 -2.65
N LEU A 110 -4.26 -15.86 -3.25
CA LEU A 110 -4.72 -16.77 -4.28
C LEU A 110 -4.95 -16.03 -5.58
N VAL A 111 -4.53 -16.65 -6.69
CA VAL A 111 -4.48 -15.95 -7.96
C VAL A 111 -5.83 -15.33 -8.36
N PRO A 112 -6.95 -16.07 -8.30
CA PRO A 112 -8.23 -15.45 -8.70
C PRO A 112 -8.64 -14.29 -7.80
N ASN A 113 -8.51 -14.48 -6.49
CA ASN A 113 -8.81 -13.42 -5.56
C ASN A 113 -7.93 -12.19 -5.82
N PHE A 114 -6.63 -12.41 -6.03
CA PHE A 114 -5.69 -11.30 -6.25
C PHE A 114 -5.96 -10.57 -7.55
N SER A 115 -6.20 -11.33 -8.63
CA SER A 115 -6.56 -10.73 -9.91
C SER A 115 -7.77 -9.83 -9.78
N ARG A 116 -8.79 -10.31 -9.05
CA ARG A 116 -10.01 -9.55 -8.87
C ARG A 116 -9.75 -8.33 -8.01
N ARG A 117 -8.99 -8.50 -6.94
CA ARG A 117 -8.65 -7.40 -6.03
C ARG A 117 -8.06 -6.21 -6.78
N LEU A 118 -7.21 -6.47 -7.73
CA LEU A 118 -6.49 -5.44 -8.46
C LEU A 118 -7.10 -5.13 -9.79
N GLY A 119 -8.09 -5.90 -10.24
CA GLY A 119 -8.71 -5.73 -11.55
C GLY A 119 -7.77 -6.01 -12.70
N VAL A 120 -6.97 -7.07 -12.62
CA VAL A 120 -6.03 -7.39 -13.68
C VAL A 120 -6.31 -8.78 -14.22
N GLU A 121 -5.75 -9.04 -15.39
CA GLU A 121 -5.83 -10.40 -15.95
C GLU A 121 -4.99 -11.39 -15.13
N ILE A 122 -5.38 -12.66 -15.22
CA ILE A 122 -4.71 -13.73 -14.49
C ILE A 122 -3.20 -13.75 -14.76
N THR A 123 -2.79 -13.58 -16.04
CA THR A 123 -1.37 -13.65 -16.34
C THR A 123 -0.60 -12.50 -15.71
N VAL A 124 -1.22 -11.34 -15.61
CA VAL A 124 -0.62 -10.23 -14.90
C VAL A 124 -0.51 -10.55 -13.42
N ALA A 125 -1.56 -11.14 -12.82
CA ALA A 125 -1.48 -11.49 -11.41
C ALA A 125 -0.39 -12.53 -11.13
N HIS A 126 -0.23 -13.50 -12.03
CA HIS A 126 0.89 -14.44 -11.91
C HIS A 126 2.24 -13.70 -11.92
N GLY A 127 2.39 -12.74 -12.83
CA GLY A 127 3.62 -11.97 -12.89
C GLY A 127 3.89 -11.27 -11.58
N LEU A 128 2.85 -10.62 -11.02
CA LEU A 128 3.01 -9.91 -9.75
C LEU A 128 3.36 -10.87 -8.62
N ILE A 129 2.63 -11.98 -8.53
CA ILE A 129 2.86 -12.88 -7.42
C ILE A 129 4.25 -13.52 -7.51
N ASN A 130 4.70 -13.83 -8.71
CA ASN A 130 6.06 -14.36 -8.88
C ASN A 130 7.11 -13.34 -8.46
N ARG A 131 6.82 -12.08 -8.68
CA ARG A 131 7.70 -11.04 -8.18
C ARG A 131 7.66 -10.93 -6.67
N LEU A 132 6.47 -11.01 -6.06
CA LEU A 132 6.38 -10.98 -4.59
C LEU A 132 7.20 -12.12 -4.01
N GLU A 133 7.20 -13.25 -4.69
CA GLU A 133 7.89 -14.45 -4.21
C GLU A 133 9.40 -14.25 -4.23
N LYS A 134 9.92 -13.74 -5.34
CA LYS A 134 11.36 -13.48 -5.46
C LYS A 134 11.83 -12.46 -4.44
N GLU A 135 11.00 -11.45 -4.14
CA GLU A 135 11.36 -10.48 -3.13
C GLU A 135 11.26 -11.04 -1.72
N GLY A 136 10.62 -12.19 -1.55
CA GLY A 136 10.38 -12.71 -0.21
C GLY A 136 9.17 -12.15 0.49
N TYR A 137 8.29 -11.44 -0.22
CA TYR A 137 7.12 -10.85 0.44
C TYR A 137 5.97 -11.83 0.56
N CYS A 138 5.99 -12.92 -0.19
CA CYS A 138 5.12 -14.07 0.05
C CYS A 138 5.95 -15.33 -0.14
N GLN A 139 5.41 -16.45 0.35
CA GLN A 139 6.08 -17.72 0.25
C GLN A 139 5.78 -18.42 -1.07
N ASN A 140 6.43 -19.56 -1.28
CA ASN A 140 6.49 -20.21 -2.58
C ASN A 140 5.28 -21.08 -2.91
N ALA A 141 4.43 -21.38 -1.94
CA ALA A 141 3.27 -22.28 -2.18
C ALA A 141 3.70 -23.74 -2.14
N GLY A 147 -2.58 -21.57 -1.89
CA GLY A 147 -2.16 -20.18 -2.01
C GLY A 147 -0.74 -19.91 -1.54
N ARG A 148 -0.41 -18.64 -1.30
CA ARG A 148 0.91 -18.24 -0.84
C ARG A 148 0.79 -17.36 0.40
N LEU A 149 1.40 -17.81 1.49
CA LEU A 149 1.37 -17.07 2.74
C LEU A 149 2.10 -15.74 2.58
N VAL A 150 1.47 -14.65 3.02
CA VAL A 150 2.11 -13.33 2.95
C VAL A 150 3.06 -13.18 4.13
N ASN A 151 4.26 -12.68 3.85
CA ASN A 151 5.23 -12.40 4.89
C ASN A 151 5.03 -10.94 5.28
N LYS A 152 4.04 -10.71 6.15
CA LYS A 152 3.54 -9.35 6.38
C LYS A 152 4.62 -8.46 6.96
N GLU A 153 5.45 -9.02 7.84
CA GLU A 153 6.44 -8.20 8.53
C GLU A 153 7.51 -7.72 7.57
N LYS A 154 7.99 -8.61 6.71
CA LYS A 154 9.01 -8.22 5.76
C LYS A 154 8.45 -7.26 4.72
N LEU A 155 7.21 -7.48 4.29
CA LEU A 155 6.56 -6.59 3.34
C LEU A 155 6.46 -5.18 3.89
N LYS A 156 5.92 -5.04 5.11
CA LYS A 156 5.70 -3.70 5.67
C LYS A 156 7.01 -3.01 6.05
N SER A 157 8.05 -3.75 6.35
CA SER A 157 9.31 -3.15 6.79
C SER A 157 10.25 -2.98 5.60
N GLU A 158 10.81 -4.10 5.09
CA GLU A 158 11.75 -4.00 3.97
C GLU A 158 11.05 -3.55 2.69
N GLY A 159 9.90 -4.13 2.38
CA GLY A 159 9.26 -3.82 1.11
C GLY A 159 8.84 -2.36 1.01
N PHE A 160 8.31 -1.79 2.09
CA PHE A 160 7.89 -0.40 1.99
C PHE A 160 9.11 0.52 1.98
N LYS A 161 10.15 0.17 2.74
CA LYS A 161 11.42 0.88 2.62
C LYS A 161 12.00 0.89 1.19
N MLY A 162 12.00 -0.26 0.53
CA MLY A 162 12.56 -0.39 -0.83
CB MLY A 162 12.57 -1.87 -1.23
CG MLY A 162 13.25 -2.18 -2.56
CD MLY A 162 13.51 -3.66 -2.69
CE MLY A 162 14.21 -3.99 -4.00
NZ MLY A 162 14.36 -5.40 -4.22
CH1 MLY A 162 14.62 -5.63 -5.60
CH2 MLY A 162 15.31 -6.02 -3.34
C MLY A 162 11.78 0.37 -1.91
O MLY A 162 12.34 0.93 -2.85
H MLY A 162 11.68 -0.99 0.84
HA MLY A 162 13.46 -0.02 -0.81
HB2 MLY A 162 11.66 -2.18 -1.27
HB3 MLY A 162 13.01 -2.37 -0.54
HG2 MLY A 162 14.09 -1.69 -2.63
HG3 MLY A 162 12.71 -1.87 -3.30
HD2 MLY A 162 12.65 -4.12 -2.62
HD3 MLY A 162 14.04 -3.96 -1.93
HE2 MLY A 162 15.08 -3.57 -4.03
HE3 MLY A 162 13.71 -3.61 -4.74
HH11 MLY A 162 14.62 -6.58 -5.78
HH12 MLY A 162 15.47 -5.26 -5.84
HH13 MLY A 162 13.92 -5.22 -6.14
HH21 MLY A 162 15.43 -6.95 -3.59
HH22 MLY A 162 15.01 -5.97 -2.42
HH23 MLY A 162 16.17 -5.56 -3.41
N TYR A 163 10.48 0.34 -1.79
CA TYR A 163 9.64 0.91 -2.84
C TYR A 163 8.90 2.21 -2.54
N PHE A 164 8.72 2.58 -1.29
CA PHE A 164 7.90 3.74 -0.95
C PHE A 164 8.66 4.81 -0.18
N GLU A 165 9.59 4.43 0.70
CA GLU A 165 10.22 5.42 1.57
C GLU A 165 11.04 6.40 0.73
N LYS A 166 10.98 7.67 1.09
CA LYS A 166 11.60 8.70 0.25
C LYS A 166 13.04 9.00 0.68
N MET B 1 -24.06 -2.41 9.32
CA MET B 1 -23.40 -2.75 8.05
C MET B 1 -23.89 -1.83 6.93
N LYS B 2 -23.29 -1.97 5.75
CA LYS B 2 -23.51 -1.04 4.64
C LYS B 2 -23.32 0.40 5.13
N SER B 3 -22.13 0.64 5.64
CA SER B 3 -21.72 1.91 6.25
C SER B 3 -21.18 2.87 5.19
N SER B 4 -21.65 4.11 5.21
CA SER B 4 -21.15 5.14 4.28
C SER B 4 -20.26 6.20 4.94
N HIS B 5 -19.88 6.01 6.21
CA HIS B 5 -18.85 6.88 6.74
C HIS B 5 -17.55 6.74 5.94
N HIS B 6 -16.72 7.79 5.99
CA HIS B 6 -15.51 7.88 5.19
C HIS B 6 -14.79 9.12 5.68
N HIS B 7 -13.59 9.34 5.17
CA HIS B 7 -12.73 10.33 5.76
C HIS B 7 -11.94 11.09 4.71
N HIS B 8 -11.83 12.39 4.92
CA HIS B 8 -11.00 13.28 4.10
C HIS B 8 -9.99 13.95 5.02
N HIS B 9 -8.81 13.34 5.11
CA HIS B 9 -7.83 13.84 6.06
C HIS B 9 -7.37 15.23 5.67
N HIS B 10 -7.29 15.50 4.38
CA HIS B 10 -7.05 16.82 3.82
C HIS B 10 -8.15 17.03 2.81
N GLU B 11 -8.28 18.28 2.35
CA GLU B 11 -9.37 18.59 1.46
C GLU B 11 -9.25 17.91 0.11
N ASN B 12 -8.06 17.52 -0.31
CA ASN B 12 -7.89 16.85 -1.59
C ASN B 12 -7.87 15.34 -1.47
N LEU B 13 -8.27 14.81 -0.32
CA LEU B 13 -8.23 13.37 -0.06
C LEU B 13 -9.60 12.77 0.12
N TYR B 14 -9.71 11.48 -0.20
CA TYR B 14 -10.91 10.73 0.06
C TYR B 14 -10.50 9.30 0.41
N PHE B 15 -10.94 8.82 1.57
CA PHE B 15 -10.66 7.45 2.00
C PHE B 15 -11.94 6.78 2.46
N GLN B 16 -12.21 5.59 1.92
CA GLN B 16 -13.26 4.73 2.39
C GLN B 16 -12.77 3.30 2.35
N SER B 17 -13.02 2.56 3.42
CA SER B 17 -12.77 1.13 3.40
C SER B 17 -13.69 0.40 4.35
N ASN B 18 -14.27 -0.72 3.90
CA ASN B 18 -15.10 -1.52 4.79
C ASN B 18 -14.32 -2.09 5.97
N ALA B 19 -12.99 -2.00 5.98
CA ALA B 19 -12.26 -2.44 7.15
C ALA B 19 -12.45 -1.52 8.35
N ASN B 20 -12.73 -0.24 8.11
CA ASN B 20 -12.79 0.77 9.17
C ASN B 20 -14.21 0.78 9.72
N ILE B 21 -14.45 -0.21 10.58
CA ILE B 21 -15.78 -0.48 11.10
C ILE B 21 -16.10 0.51 12.23
N VAL B 22 -17.35 0.50 12.63
CA VAL B 22 -17.79 1.14 13.87
C VAL B 22 -17.43 0.16 14.99
N ARG B 23 -16.59 0.61 15.92
CA ARG B 23 -16.20 -0.15 17.10
C ARG B 23 -16.30 0.76 18.34
N CYS B 24 -17.43 0.67 19.04
CA CYS B 24 -17.77 1.66 20.08
C CYS B 24 -18.28 0.97 21.33
N PRO B 25 -17.97 1.53 22.52
CA PRO B 25 -18.32 0.83 23.79
C PRO B 25 -19.80 0.58 23.97
N CYS B 26 -20.67 1.24 23.23
CA CYS B 26 -22.09 0.99 23.37
C CYS B 26 -22.51 -0.37 22.80
N GLY B 27 -21.64 -1.04 22.09
CA GLY B 27 -21.97 -2.31 21.47
C GLY B 27 -22.76 -2.24 20.18
N CYS B 28 -23.12 -1.04 19.71
CA CYS B 28 -23.79 -0.88 18.43
C CYS B 28 -22.73 -0.66 17.37
N ASN B 29 -22.80 -1.39 16.26
CA ASN B 29 -21.79 -1.25 15.23
C ASN B 29 -22.36 -0.63 13.95
N GLU B 30 -23.31 0.28 14.09
CA GLU B 30 -23.89 0.96 12.94
C GLU B 30 -23.71 2.46 13.10
N ASP B 31 -23.43 3.13 11.99
CA ASP B 31 -23.56 4.58 11.94
C ASP B 31 -24.92 5.00 12.49
N ASP B 32 -24.90 6.07 13.28
CA ASP B 32 -26.13 6.64 13.84
C ASP B 32 -25.70 8.01 14.30
N GLY B 33 -26.26 9.05 13.68
CA GLY B 33 -25.94 10.37 14.14
C GLY B 33 -24.48 10.70 13.89
N LEU B 34 -24.00 11.66 14.70
CA LEU B 34 -22.64 12.19 14.58
C LEU B 34 -21.61 11.12 14.93
N MET B 35 -20.82 10.73 13.92
CA MET B 35 -19.76 9.75 14.07
C MET B 35 -18.42 10.46 14.14
N ILE B 36 -17.49 9.86 14.89
CA ILE B 36 -16.16 10.43 15.02
C ILE B 36 -15.11 9.33 14.86
N ARG B 37 -13.98 9.68 14.22
CA ARG B 37 -12.96 8.69 13.87
C ARG B 37 -11.72 8.90 14.73
N CYS B 38 -11.34 7.80 15.38
CA CYS B 38 -10.21 7.78 16.29
C CYS B 38 -8.91 8.01 15.51
N GLU B 39 -8.06 8.88 16.03
CA GLU B 39 -6.85 9.23 15.31
C GLU B 39 -5.84 8.08 15.33
N GLU B 40 -6.02 7.10 16.22
CA GLU B 40 -5.03 6.05 16.45
C GLU B 40 -5.40 4.74 15.73
N CYS B 41 -6.56 4.17 16.03
CA CYS B 41 -7.00 2.97 15.34
C CYS B 41 -7.81 3.23 14.06
N LYS B 42 -8.22 4.47 13.79
CA LYS B 42 -8.97 4.82 12.59
C LYS B 42 -10.31 4.09 12.48
N LEU B 43 -10.82 3.58 13.60
CA LEU B 43 -12.17 3.05 13.61
C LEU B 43 -13.11 4.14 14.15
N TRP B 44 -14.42 3.88 14.01
CA TRP B 44 -15.44 4.89 14.24
C TRP B 44 -16.24 4.64 15.51
N GLN B 45 -16.63 5.74 16.18
CA GLN B 45 -17.43 5.72 17.39
C GLN B 45 -18.57 6.72 17.25
N HIS B 46 -19.68 6.50 17.96
CA HIS B 46 -20.70 7.53 18.06
C HIS B 46 -20.16 8.63 18.96
N ALA B 47 -20.14 9.87 18.48
CA ALA B 47 -19.63 10.95 19.31
C ALA B 47 -20.37 11.02 20.65
N VAL B 48 -21.65 10.70 20.66
CA VAL B 48 -22.43 10.81 21.90
C VAL B 48 -21.94 9.83 22.96
N CYS B 49 -21.44 8.66 22.55
CA CYS B 49 -20.93 7.68 23.51
C CYS B 49 -19.74 8.24 24.24
N PHE B 50 -19.04 9.21 23.64
CA PHE B 50 -17.93 9.91 24.26
C PHE B 50 -18.34 11.27 24.86
N ALA B 51 -19.64 11.48 25.05
CA ALA B 51 -20.17 12.67 25.72
C ALA B 51 -20.02 13.92 24.87
N ILE B 52 -19.94 13.76 23.56
CA ILE B 52 -19.92 14.86 22.62
C ILE B 52 -21.33 14.98 22.09
N ILE B 53 -22.01 16.08 22.42
CA ILE B 53 -23.40 16.32 22.02
C ILE B 53 -23.53 17.42 20.99
N SER B 54 -22.45 18.08 20.65
CA SER B 54 -22.47 19.09 19.62
C SER B 54 -21.22 18.93 18.78
N GLU B 55 -21.36 19.11 17.46
CA GLU B 55 -20.20 19.02 16.58
C GLU B 55 -19.13 20.03 16.96
N ASP B 56 -19.52 21.17 17.53
CA ASP B 56 -18.52 22.13 17.96
C ASP B 56 -17.68 21.60 19.12
N ASP B 57 -18.24 20.79 20.00
CA ASP B 57 -17.48 20.26 21.14
C ASP B 57 -16.53 19.12 20.78
N ALA B 58 -16.54 18.67 19.53
CA ALA B 58 -15.77 17.49 19.15
C ALA B 58 -14.29 17.84 19.06
N PRO B 59 -13.43 17.04 19.64
CA PRO B 59 -11.99 17.35 19.58
C PRO B 59 -11.42 17.10 18.20
N GLU B 60 -10.50 17.96 17.78
CA GLU B 60 -9.84 17.75 16.49
C GLU B 60 -9.05 16.46 16.47
N GLN B 61 -8.62 15.97 17.62
CA GLN B 61 -7.94 14.69 17.73
C GLN B 61 -8.74 13.83 18.69
N HIS B 62 -9.45 12.84 18.17
CA HIS B 62 -10.24 11.92 18.99
C HIS B 62 -9.43 10.68 19.29
N VAL B 63 -9.48 10.24 20.54
CA VAL B 63 -8.82 9.01 20.99
C VAL B 63 -9.87 8.16 21.67
N CYS B 64 -10.12 6.97 21.11
CA CYS B 64 -11.22 6.17 21.59
C CYS B 64 -10.86 5.53 22.94
N ASN B 65 -11.76 4.69 23.47
CA ASN B 65 -11.53 4.12 24.79
C ASN B 65 -10.51 2.99 24.77
N GLN B 66 -10.52 2.16 23.72
CA GLN B 66 -9.51 1.11 23.59
C GLN B 66 -8.11 1.71 23.46
N CYS B 67 -7.96 2.73 22.62
CA CYS B 67 -6.67 3.38 22.43
C CYS B 67 -6.31 4.31 23.58
N ALA B 68 -7.21 4.46 24.55
CA ALA B 68 -6.97 5.41 25.64
C ALA B 68 -5.74 5.02 26.44
N LYS B 69 -5.63 3.74 26.77
CA LYS B 69 -4.53 3.27 27.61
C LYS B 69 -3.18 3.30 26.94
N ILE B 70 -3.06 3.74 25.68
CA ILE B 70 -1.92 3.31 24.85
C ILE B 70 -1.41 4.42 23.93
N VAL B 71 -1.78 5.66 24.19
CA VAL B 71 -1.45 6.75 23.28
C VAL B 71 -0.39 7.58 23.99
N PRO B 72 0.45 8.33 23.28
CA PRO B 72 1.43 9.19 23.95
C PRO B 72 0.78 10.20 24.88
N ARG B 73 1.62 10.85 25.69
CA ARG B 73 1.13 11.81 26.66
C ARG B 73 0.53 13.04 25.99
N HIS B 74 1.11 13.46 24.86
CA HIS B 74 0.62 14.65 24.15
C HIS B 74 -0.74 14.43 23.49
N MET B 75 -1.22 13.18 23.41
CA MET B 75 -2.56 12.87 22.94
C MET B 75 -3.40 12.39 24.12
N LYS B 76 -4.47 13.08 24.39
CA LYS B 76 -5.33 12.81 25.53
C LYS B 76 -6.54 11.99 25.12
N PRO B 77 -7.03 11.08 25.97
CA PRO B 77 -8.30 10.42 25.65
C PRO B 77 -9.39 11.47 25.54
N THR B 78 -10.36 11.20 24.66
CA THR B 78 -11.48 12.14 24.49
C THR B 78 -12.31 12.20 25.77
N ASP B 79 -12.56 11.04 26.39
CA ASP B 79 -13.31 10.94 27.65
C ASP B 79 -12.55 10.05 28.63
N PRO B 80 -11.62 10.63 29.41
CA PRO B 80 -10.83 9.80 30.36
C PRO B 80 -11.70 8.96 31.30
N TYR B 81 -12.92 9.37 31.57
CA TYR B 81 -13.74 8.69 32.54
C TYR B 81 -14.11 7.28 32.10
N LEU B 82 -14.34 7.05 30.81
CA LEU B 82 -14.72 5.71 30.35
C LEU B 82 -13.63 4.66 30.57
N THR B 83 -12.36 5.05 30.67
CA THR B 83 -11.31 4.05 30.90
C THR B 83 -11.46 3.38 32.28
N THR B 84 -12.01 4.12 33.27
CA THR B 84 -12.09 3.66 34.66
C THR B 84 -13.29 2.76 34.90
N LEU B 85 -13.91 2.21 33.86
CA LEU B 85 -15.21 1.59 33.99
C LEU B 85 -15.16 0.09 33.66
N ALA B 86 -15.87 -0.68 34.48
CA ALA B 86 -15.98 -2.11 34.28
C ALA B 86 -16.86 -2.42 33.07
N PRO B 87 -16.63 -3.57 32.42
CA PRO B 87 -17.23 -3.83 31.10
C PRO B 87 -18.72 -3.55 31.10
N VAL B 88 -19.41 -4.09 32.09
CA VAL B 88 -20.86 -3.98 32.10
C VAL B 88 -21.28 -2.52 32.26
N VAL B 89 -20.59 -1.77 33.12
CA VAL B 89 -20.95 -0.37 33.39
C VAL B 89 -20.66 0.49 32.17
N LEU B 90 -19.57 0.20 31.47
CA LEU B 90 -19.19 0.96 30.28
C LEU B 90 -20.29 0.92 29.22
N GLN B 91 -20.75 -0.29 28.87
CA GLN B 91 -21.79 -0.41 27.86
C GLN B 91 -23.07 0.26 28.30
N ALA B 92 -23.41 0.13 29.59
CA ALA B 92 -24.61 0.77 30.08
C ALA B 92 -24.45 2.29 30.02
N THR B 93 -23.25 2.77 30.34
CA THR B 93 -22.97 4.20 30.37
C THR B 93 -23.11 4.78 28.98
N CYS B 94 -22.42 4.15 28.00
CA CYS B 94 -22.49 4.70 26.64
C CYS B 94 -23.89 4.57 26.08
N LEU B 95 -24.51 3.40 26.28
CA LEU B 95 -25.90 3.27 25.87
C LEU B 95 -26.77 4.32 26.54
N TRP B 96 -26.51 4.62 27.82
CA TRP B 96 -27.35 5.59 28.51
C TRP B 96 -27.21 6.93 27.82
N ARG B 97 -25.99 7.28 27.39
CA ARG B 97 -25.76 8.53 26.66
C ARG B 97 -26.50 8.55 25.33
N ARG B 98 -26.43 7.44 24.56
CA ARG B 98 -27.22 7.36 23.33
C ARG B 98 -28.69 7.56 23.62
N ALA B 99 -29.17 6.98 24.72
CA ALA B 99 -30.60 7.06 25.04
C ALA B 99 -31.00 8.47 25.40
N LEU B 100 -30.17 9.16 26.18
CA LEU B 100 -30.50 10.54 26.48
C LEU B 100 -30.64 11.33 25.20
N LEU B 101 -29.73 11.11 24.25
CA LEU B 101 -29.75 11.88 23.02
C LEU B 101 -30.93 11.47 22.14
N ALA B 102 -31.16 10.16 21.99
CA ALA B 102 -32.27 9.69 21.17
C ALA B 102 -33.61 10.11 21.75
N ALA B 103 -33.72 10.22 23.06
CA ALA B 103 -34.99 10.64 23.66
C ALA B 103 -35.35 12.08 23.29
N THR B 104 -34.36 12.95 23.08
CA THR B 104 -34.63 14.30 22.61
C THR B 104 -35.08 14.33 21.14
N GLU B 105 -35.25 13.17 20.50
CA GLU B 105 -35.71 13.08 19.12
C GLU B 105 -37.16 12.62 19.04
N MET B 106 -37.93 12.79 20.12
CA MET B 106 -39.28 12.28 20.21
C MET B 106 -40.04 13.16 21.18
N ASP B 107 -41.34 13.23 20.99
CA ASP B 107 -42.15 13.81 22.02
C ASP B 107 -42.77 12.75 22.93
N ARG B 108 -42.80 11.52 22.49
CA ARG B 108 -43.35 10.39 23.22
C ARG B 108 -42.40 9.23 23.06
N ILE B 109 -42.45 8.26 23.96
CA ILE B 109 -41.53 7.12 23.89
C ILE B 109 -42.27 5.83 24.21
N LEU B 110 -42.15 4.85 23.32
CA LEU B 110 -42.72 3.51 23.47
C LEU B 110 -41.58 2.51 23.52
N VAL B 111 -41.70 1.52 24.40
CA VAL B 111 -40.57 0.62 24.65
C VAL B 111 -40.09 -0.09 23.38
N PRO B 112 -40.97 -0.68 22.56
CA PRO B 112 -40.45 -1.38 21.36
C PRO B 112 -39.94 -0.45 20.28
N ASN B 113 -40.65 0.65 19.99
CA ASN B 113 -40.10 1.65 19.09
C ASN B 113 -38.71 2.08 19.56
N PHE B 114 -38.60 2.52 20.82
CA PHE B 114 -37.30 2.90 21.38
C PHE B 114 -36.31 1.75 21.27
N SER B 115 -36.77 0.52 21.52
CA SER B 115 -35.92 -0.66 21.33
C SER B 115 -35.37 -0.72 19.91
N ARG B 116 -36.16 -0.32 18.92
CA ARG B 116 -35.67 -0.31 17.55
C ARG B 116 -34.72 0.87 17.32
N ARG B 117 -35.11 2.07 17.80
CA ARG B 117 -34.31 3.28 17.58
C ARG B 117 -32.87 3.12 18.03
N LEU B 118 -32.59 2.22 18.98
CA LEU B 118 -31.26 2.09 19.55
C LEU B 118 -30.60 0.75 19.24
N GLY B 119 -31.38 -0.25 18.83
CA GLY B 119 -30.84 -1.55 18.51
C GLY B 119 -30.65 -2.48 19.69
N VAL B 120 -31.59 -2.46 20.63
CA VAL B 120 -31.42 -3.16 21.89
C VAL B 120 -32.64 -4.04 22.17
N GLU B 121 -32.39 -5.14 22.88
CA GLU B 121 -33.47 -6.04 23.29
C GLU B 121 -34.46 -5.30 24.20
N ILE B 122 -35.67 -5.85 24.31
CA ILE B 122 -36.75 -5.09 24.90
C ILE B 122 -36.60 -4.96 26.41
N THR B 123 -35.97 -5.94 27.06
CA THR B 123 -35.65 -5.76 28.47
C THR B 123 -34.94 -4.41 28.66
N VAL B 124 -33.96 -4.14 27.79
CA VAL B 124 -33.11 -2.96 27.93
C VAL B 124 -33.91 -1.69 27.70
N ALA B 125 -34.65 -1.60 26.60
CA ALA B 125 -35.47 -0.40 26.37
C ALA B 125 -36.39 -0.12 27.56
N HIS B 126 -36.88 -1.15 28.24
CA HIS B 126 -37.63 -0.95 29.48
C HIS B 126 -36.73 -0.32 30.54
N GLY B 127 -35.58 -0.94 30.79
CA GLY B 127 -34.66 -0.42 31.79
C GLY B 127 -34.20 1.00 31.53
N LEU B 128 -34.19 1.41 30.26
CA LEU B 128 -33.76 2.76 29.92
C LEU B 128 -34.90 3.75 30.09
N ILE B 129 -36.10 3.35 29.70
CA ILE B 129 -37.21 4.27 29.77
C ILE B 129 -37.66 4.40 31.21
N ASN B 130 -37.59 3.33 31.99
CA ASN B 130 -37.92 3.46 33.40
C ASN B 130 -36.80 4.16 34.18
N ARG B 131 -35.55 4.12 33.68
CA ARG B 131 -34.54 5.01 34.26
C ARG B 131 -34.81 6.45 33.85
N LEU B 132 -35.28 6.66 32.62
CA LEU B 132 -35.60 8.02 32.20
C LEU B 132 -36.80 8.57 32.95
N GLU B 133 -37.69 7.70 33.39
CA GLU B 133 -38.83 8.20 34.16
C GLU B 133 -38.37 8.50 35.59
N LYS B 134 -37.71 7.54 36.24
CA LYS B 134 -37.08 7.76 37.53
C LYS B 134 -36.42 9.14 37.61
N GLU B 135 -35.75 9.58 36.55
CA GLU B 135 -35.03 10.85 36.57
C GLU B 135 -35.88 12.03 36.16
N GLY B 136 -37.14 11.82 35.81
CA GLY B 136 -37.98 12.93 35.40
C GLY B 136 -37.75 13.41 34.00
N TYR B 137 -37.12 12.59 33.14
CA TYR B 137 -36.94 13.00 31.75
C TYR B 137 -38.12 12.54 30.89
N CYS B 138 -38.73 11.40 31.20
CA CYS B 138 -39.98 10.93 30.61
C CYS B 138 -41.00 10.71 31.73
N GLN B 139 -42.28 10.64 31.35
CA GLN B 139 -43.37 10.57 32.34
C GLN B 139 -43.94 9.15 32.42
N ASN B 140 -45.07 9.02 33.14
CA ASN B 140 -45.67 7.71 33.37
C ASN B 140 -46.51 7.25 32.18
N GLY B 147 -47.83 5.47 25.79
CA GLY B 147 -46.77 6.41 25.50
C GLY B 147 -46.31 7.26 26.67
N ARG B 148 -45.02 7.19 27.01
CA ARG B 148 -44.44 8.04 28.05
C ARG B 148 -43.94 9.33 27.40
N LEU B 149 -44.70 10.41 27.60
CA LEU B 149 -44.28 11.69 27.04
C LEU B 149 -42.87 12.03 27.50
N VAL B 150 -42.06 12.52 26.56
CA VAL B 150 -40.70 12.91 26.87
C VAL B 150 -40.74 14.32 27.45
N ASN B 151 -40.33 14.45 28.72
CA ASN B 151 -40.18 15.78 29.30
C ASN B 151 -38.85 16.33 28.77
N LYS B 152 -38.91 16.83 27.54
CA LYS B 152 -37.71 17.19 26.80
C LYS B 152 -37.08 18.48 27.30
N GLU B 153 -37.83 19.28 28.04
CA GLU B 153 -37.30 20.53 28.58
C GLU B 153 -36.17 20.25 29.58
N LYS B 154 -36.47 19.46 30.61
CA LYS B 154 -35.48 19.11 31.62
C LYS B 154 -34.36 18.30 31.00
N LEU B 155 -34.70 17.35 30.12
CA LEU B 155 -33.71 16.47 29.53
C LEU B 155 -32.55 17.25 28.93
N LYS B 156 -32.84 18.21 28.05
CA LYS B 156 -31.77 18.94 27.37
C LYS B 156 -30.97 19.86 28.30
N SER B 157 -31.52 20.26 29.44
CA SER B 157 -30.86 21.22 30.32
C SER B 157 -30.20 20.56 31.53
N GLU B 158 -31.00 19.94 32.41
CA GLU B 158 -30.45 19.29 33.59
C GLU B 158 -29.85 17.92 33.27
N GLY B 159 -30.44 17.21 32.32
CA GLY B 159 -29.90 15.91 31.97
C GLY B 159 -28.55 16.02 31.30
N PHE B 160 -28.40 16.96 30.36
CA PHE B 160 -27.15 17.06 29.63
C PHE B 160 -26.07 17.67 30.50
N LYS B 161 -26.45 18.53 31.46
CA LYS B 161 -25.49 19.04 32.44
C LYS B 161 -25.00 17.97 33.39
N MLY B 162 -25.92 17.10 33.77
CA MLY B 162 -25.57 16.03 34.68
CB MLY B 162 -26.81 15.40 35.27
CG MLY B 162 -26.58 14.22 36.20
CD MLY B 162 -27.84 13.78 36.95
CE MLY B 162 -27.54 12.65 37.93
NZ MLY B 162 -28.70 12.20 38.66
CH1 MLY B 162 -28.44 10.90 39.22
CH2 MLY B 162 -29.22 13.16 39.58
C MLY B 162 -24.74 14.97 33.97
O MLY B 162 -23.83 14.39 34.56
H MLY B 162 -26.74 17.11 33.53
HA MLY B 162 -25.04 16.39 35.41
HB2 MLY B 162 -27.38 15.10 34.53
HB3 MLY B 162 -27.31 16.08 35.75
HG2 MLY B 162 -25.88 14.45 36.84
HG3 MLY B 162 -26.23 13.47 35.70
HD2 MLY B 162 -28.50 13.52 36.30
HD3 MLY B 162 -28.19 14.56 37.42
HE2 MLY B 162 -26.87 12.93 38.56
HE3 MLY B 162 -27.17 11.90 37.44
HH11 MLY B 162 -29.24 10.56 39.65
HH12 MLY B 162 -27.72 10.96 39.87
HH13 MLY B 162 -28.18 10.29 38.52
HH21 MLY B 162 -30.01 12.80 40.01
HH22 MLY B 162 -29.45 13.97 39.11
HH23 MLY B 162 -28.54 13.36 40.25
N TYR B 163 -25.05 14.66 32.73
CA TYR B 163 -24.46 13.47 32.13
C TYR B 163 -23.43 13.71 31.03
N PHE B 164 -23.37 14.91 30.50
CA PHE B 164 -22.44 15.22 29.42
C PHE B 164 -21.42 16.31 29.75
N GLU B 165 -21.75 17.24 30.63
CA GLU B 165 -20.84 18.34 30.99
C GLU B 165 -20.28 18.15 32.39
N MET C 1 35.37 0.64 -22.94
CA MET C 1 36.29 -0.37 -22.44
C MET C 1 37.10 -1.04 -23.55
N LYS C 2 38.21 -1.68 -23.15
CA LYS C 2 39.11 -2.34 -24.09
C LYS C 2 38.71 -3.82 -24.19
N SER C 3 37.61 -4.06 -24.91
CA SER C 3 36.94 -5.36 -24.91
C SER C 3 37.43 -6.28 -26.01
N SER C 4 37.55 -7.57 -25.69
CA SER C 4 38.00 -8.52 -26.69
C SER C 4 36.88 -9.31 -27.33
N HIS C 5 35.62 -9.04 -26.96
CA HIS C 5 34.51 -9.69 -27.65
C HIS C 5 34.46 -9.30 -29.14
N HIS C 6 33.79 -10.14 -29.93
CA HIS C 6 33.78 -10.06 -31.38
C HIS C 6 32.81 -11.13 -31.85
N HIS C 7 32.57 -11.23 -33.14
CA HIS C 7 31.51 -12.12 -33.67
C HIS C 7 31.96 -12.85 -34.93
N HIS C 8 31.71 -14.17 -35.01
CA HIS C 8 31.89 -14.97 -36.20
C HIS C 8 30.50 -15.50 -36.60
N HIS C 9 29.79 -14.82 -37.50
CA HIS C 9 28.42 -15.26 -37.79
C HIS C 9 28.43 -16.64 -38.47
N HIS C 10 29.47 -16.92 -39.28
CA HIS C 10 29.82 -18.22 -39.80
C HIS C 10 31.28 -18.47 -39.44
N GLU C 11 31.73 -19.71 -39.59
CA GLU C 11 33.06 -20.05 -39.09
C GLU C 11 34.17 -19.33 -39.86
N ASN C 12 33.95 -18.97 -41.12
CA ASN C 12 35.00 -18.30 -41.86
C ASN C 12 34.90 -16.78 -41.79
N LEU C 13 34.09 -16.24 -40.89
CA LEU C 13 33.95 -14.81 -40.74
C LEU C 13 34.60 -14.28 -39.46
N TYR C 14 34.91 -12.99 -39.50
CA TYR C 14 35.32 -12.27 -38.32
C TYR C 14 34.83 -10.84 -38.39
N PHE C 15 34.19 -10.36 -37.32
CA PHE C 15 33.74 -8.98 -37.22
C PHE C 15 34.06 -8.46 -35.84
N GLN C 16 34.63 -7.29 -35.78
CA GLN C 16 34.86 -6.61 -34.53
C GLN C 16 34.74 -5.12 -34.79
N SER C 17 34.11 -4.43 -33.84
CA SER C 17 34.14 -2.98 -33.87
C SER C 17 34.09 -2.42 -32.45
N ASN C 18 34.88 -1.39 -32.20
CA ASN C 18 34.78 -0.69 -30.92
C ASN C 18 33.40 -0.06 -30.72
N ALA C 19 32.61 0.08 -31.78
CA ALA C 19 31.27 0.62 -31.63
C ALA C 19 30.33 -0.35 -30.95
N ASN C 20 30.62 -1.66 -30.98
CA ASN C 20 29.71 -2.67 -30.45
C ASN C 20 30.04 -2.87 -28.97
N ILE C 21 29.62 -1.90 -28.16
CA ILE C 21 29.94 -1.90 -26.74
C ILE C 21 29.12 -2.91 -25.95
N VAL C 22 29.50 -3.10 -24.69
CA VAL C 22 28.67 -3.72 -23.68
C VAL C 22 27.65 -2.65 -23.24
N ARG C 23 26.37 -3.00 -23.36
CA ARG C 23 25.28 -2.10 -22.92
C ARG C 23 24.26 -3.06 -22.30
N CYS C 24 24.28 -3.18 -20.99
CA CYS C 24 23.56 -4.19 -20.23
C CYS C 24 22.87 -3.51 -19.05
N PRO C 25 21.71 -3.99 -18.60
CA PRO C 25 20.96 -3.22 -17.58
C PRO C 25 21.65 -3.18 -16.22
N CYS C 26 22.67 -3.98 -16.00
CA CYS C 26 23.40 -3.91 -14.73
C CYS C 26 24.24 -2.65 -14.65
N GLY C 27 24.40 -1.96 -15.77
CA GLY C 27 25.20 -0.76 -15.81
C GLY C 27 26.69 -0.97 -15.90
N CYS C 28 27.18 -2.20 -15.80
CA CYS C 28 28.61 -2.49 -16.00
C CYS C 28 28.91 -2.70 -17.49
N ASN C 29 29.91 -1.99 -18.01
CA ASN C 29 30.20 -1.98 -19.43
C ASN C 29 31.44 -2.77 -19.82
N GLU C 30 31.81 -3.79 -19.04
CA GLU C 30 32.98 -4.62 -19.31
C GLU C 30 32.57 -6.07 -19.53
N ASP C 31 33.28 -6.75 -20.42
CA ASP C 31 33.12 -8.19 -20.57
C ASP C 31 33.38 -8.89 -19.25
N ASP C 32 32.61 -9.93 -18.95
CA ASP C 32 32.85 -10.70 -17.74
C ASP C 32 32.08 -12.00 -17.84
N GLY C 33 32.78 -13.13 -17.84
CA GLY C 33 32.00 -14.35 -17.97
C GLY C 33 31.36 -14.45 -19.36
N LEU C 34 30.29 -15.20 -19.45
CA LEU C 34 29.66 -15.45 -20.73
C LEU C 34 28.94 -14.21 -21.20
N MET C 35 29.30 -13.75 -22.41
CA MET C 35 28.68 -12.59 -23.05
C MET C 35 27.85 -13.06 -24.23
N ILE C 36 26.77 -12.32 -24.48
CA ILE C 36 25.86 -12.65 -25.54
C ILE C 36 25.57 -11.37 -26.30
N ARG C 37 25.40 -11.50 -27.58
CA ARG C 37 25.25 -10.37 -28.46
C ARG C 37 23.82 -10.31 -28.96
N CYS C 38 23.19 -9.14 -28.82
CA CYS C 38 21.80 -8.98 -29.22
C CYS C 38 21.63 -8.99 -30.74
N GLU C 39 20.67 -9.79 -31.21
CA GLU C 39 20.37 -9.90 -32.63
C GLU C 39 19.99 -8.55 -33.26
N GLU C 40 19.42 -7.63 -32.48
CA GLU C 40 18.85 -6.42 -33.08
C GLU C 40 19.83 -5.26 -33.09
N CYS C 41 20.30 -4.83 -31.93
CA CYS C 41 21.22 -3.70 -31.83
C CYS C 41 22.68 -4.11 -31.97
N LYS C 42 22.99 -5.41 -31.85
CA LYS C 42 24.36 -5.95 -31.98
C LYS C 42 25.28 -5.46 -30.88
N LEU C 43 24.71 -5.00 -29.76
CA LEU C 43 25.50 -4.70 -28.58
C LEU C 43 25.49 -5.92 -27.67
N TRP C 44 26.38 -5.90 -26.68
CA TRP C 44 26.64 -7.04 -25.84
C TRP C 44 26.07 -6.89 -24.43
N GLN C 45 25.66 -8.03 -23.88
CA GLN C 45 25.20 -8.13 -22.51
C GLN C 45 25.84 -9.31 -21.81
N HIS C 46 25.97 -9.22 -20.48
CA HIS C 46 26.27 -10.39 -19.66
C HIS C 46 25.08 -11.32 -19.73
N ALA C 47 25.32 -12.57 -20.11
CA ALA C 47 24.24 -13.55 -20.18
C ALA C 47 23.55 -13.70 -18.82
N VAL C 48 24.31 -13.66 -17.72
CA VAL C 48 23.71 -13.84 -16.41
C VAL C 48 22.68 -12.74 -16.09
N CYS C 49 22.87 -11.52 -16.63
CA CYS C 49 21.91 -10.46 -16.36
C CYS C 49 20.55 -10.77 -16.95
N PHE C 50 20.50 -11.68 -17.91
CA PHE C 50 19.29 -12.17 -18.56
C PHE C 50 18.89 -13.55 -18.09
N ALA C 51 19.42 -13.97 -16.95
CA ALA C 51 19.11 -15.22 -16.30
C ALA C 51 19.58 -16.42 -17.11
N ILE C 52 20.57 -16.24 -17.97
CA ILE C 52 21.19 -17.35 -18.70
C ILE C 52 22.46 -17.73 -17.95
N ILE C 53 22.47 -18.92 -17.37
CA ILE C 53 23.58 -19.35 -16.54
C ILE C 53 24.34 -20.52 -17.15
N SER C 54 23.92 -20.98 -18.32
CA SER C 54 24.53 -22.10 -19.02
C SER C 54 24.62 -21.78 -20.51
N GLU C 55 25.78 -22.07 -21.10
CA GLU C 55 25.93 -21.95 -22.55
C GLU C 55 24.83 -22.69 -23.32
N ASP C 56 24.42 -23.88 -22.87
CA ASP C 56 23.40 -24.58 -23.65
C ASP C 56 22.02 -23.94 -23.48
N ASP C 57 21.73 -23.38 -22.29
CA ASP C 57 20.49 -22.65 -22.07
C ASP C 57 20.36 -21.39 -22.92
N ALA C 58 21.41 -21.01 -23.65
CA ALA C 58 21.36 -19.66 -24.21
C ALA C 58 20.61 -19.66 -25.54
N PRO C 59 19.78 -18.64 -25.80
CA PRO C 59 19.00 -18.63 -27.03
C PRO C 59 19.86 -18.31 -28.24
N GLU C 60 19.52 -18.93 -29.35
CA GLU C 60 20.30 -18.71 -30.56
C GLU C 60 19.96 -17.38 -31.18
N GLN C 61 18.83 -16.77 -30.79
CA GLN C 61 18.55 -15.38 -31.10
C GLN C 61 18.29 -14.66 -29.79
N HIS C 62 19.11 -13.67 -29.48
CA HIS C 62 19.04 -12.94 -28.20
C HIS C 62 18.45 -11.57 -28.50
N VAL C 63 17.48 -11.17 -27.67
CA VAL C 63 16.85 -9.85 -27.75
C VAL C 63 17.03 -9.21 -26.39
N CYS C 64 17.80 -8.12 -26.37
CA CYS C 64 18.11 -7.45 -25.11
C CYS C 64 16.88 -6.67 -24.63
N ASN C 65 17.08 -5.98 -23.50
CA ASN C 65 15.98 -5.27 -22.84
C ASN C 65 15.59 -4.00 -23.58
N GLN C 66 16.57 -3.29 -24.15
CA GLN C 66 16.20 -2.12 -24.96
C GLN C 66 15.45 -2.53 -26.22
N CYS C 67 15.94 -3.55 -26.95
CA CYS C 67 15.32 -4.01 -28.18
C CYS C 67 14.04 -4.80 -27.93
N ALA C 68 13.83 -5.28 -26.72
CA ALA C 68 12.54 -5.87 -26.36
C ALA C 68 11.37 -4.90 -26.57
N LYS C 69 11.60 -3.59 -26.47
CA LYS C 69 10.51 -2.61 -26.56
C LYS C 69 10.48 -1.86 -27.89
N ILE C 70 11.33 -2.24 -28.83
CA ILE C 70 11.37 -1.66 -30.17
C ILE C 70 11.21 -2.66 -31.27
N VAL C 71 11.47 -3.92 -31.00
CA VAL C 71 11.57 -4.98 -32.00
C VAL C 71 10.15 -5.40 -32.39
N PRO C 72 9.95 -5.94 -33.63
CA PRO C 72 8.65 -6.54 -33.95
C PRO C 72 8.19 -7.56 -32.93
N ARG C 73 6.92 -7.95 -33.01
CA ARG C 73 6.31 -8.78 -31.97
C ARG C 73 6.77 -10.23 -32.04
N HIS C 74 7.19 -10.72 -33.22
CA HIS C 74 7.59 -12.12 -33.33
C HIS C 74 8.97 -12.37 -32.71
N MET C 75 9.77 -11.33 -32.50
CA MET C 75 11.09 -11.45 -31.88
C MET C 75 10.92 -11.29 -30.37
N LYS C 76 10.86 -12.38 -29.69
CA LYS C 76 10.52 -12.40 -28.28
C LYS C 76 11.74 -12.06 -27.41
N PRO C 77 11.53 -11.29 -26.34
CA PRO C 77 12.64 -10.95 -25.45
C PRO C 77 13.28 -12.16 -24.80
N THR C 78 14.61 -12.09 -24.63
CA THR C 78 15.30 -13.14 -23.91
C THR C 78 14.78 -13.30 -22.49
N ASP C 79 14.56 -12.19 -21.78
CA ASP C 79 13.95 -12.28 -20.45
C ASP C 79 12.77 -11.31 -20.33
N PRO C 80 11.54 -11.81 -20.51
CA PRO C 80 10.37 -10.93 -20.37
C PRO C 80 10.21 -10.32 -18.96
N TYR C 81 10.77 -10.97 -17.93
CA TYR C 81 10.71 -10.39 -16.60
C TYR C 81 11.23 -8.96 -16.58
N LEU C 82 12.30 -8.65 -17.34
CA LEU C 82 12.97 -7.37 -17.22
C LEU C 82 12.24 -6.26 -17.94
N THR C 83 11.37 -6.61 -18.88
CA THR C 83 10.97 -5.64 -19.87
C THR C 83 10.19 -4.49 -19.26
N THR C 84 9.40 -4.73 -18.21
CA THR C 84 8.61 -3.62 -17.70
C THR C 84 9.10 -3.12 -16.37
N LEU C 85 10.33 -3.43 -16.00
CA LEU C 85 10.91 -2.90 -14.79
C LEU C 85 11.46 -1.48 -14.96
N ALA C 86 11.31 -0.69 -13.93
CA ALA C 86 11.82 0.66 -13.93
C ALA C 86 13.32 0.66 -13.62
N PRO C 87 14.01 1.77 -13.93
CA PRO C 87 15.49 1.72 -14.02
C PRO C 87 16.18 1.28 -12.73
N VAL C 88 15.70 1.77 -11.57
CA VAL C 88 16.39 1.43 -10.33
C VAL C 88 16.27 -0.07 -10.04
N VAL C 89 15.05 -0.63 -10.13
CA VAL C 89 14.88 -2.05 -9.84
C VAL C 89 15.47 -2.90 -10.96
N LEU C 90 15.47 -2.38 -12.17
CA LEU C 90 16.08 -3.12 -13.26
C LEU C 90 17.56 -3.33 -13.01
N GLN C 91 18.27 -2.26 -12.67
CA GLN C 91 19.71 -2.40 -12.43
C GLN C 91 19.96 -3.26 -11.19
N ALA C 92 19.14 -3.12 -10.13
CA ALA C 92 19.33 -3.96 -8.94
C ALA C 92 19.07 -5.44 -9.25
N THR C 93 18.10 -5.75 -10.09
CA THR C 93 17.84 -7.14 -10.43
C THR C 93 19.04 -7.74 -11.20
N CYS C 94 19.60 -6.99 -12.13
CA CYS C 94 20.65 -7.63 -12.92
C CYS C 94 21.92 -7.73 -12.09
N LEU C 95 22.15 -6.71 -11.25
CA LEU C 95 23.30 -6.77 -10.34
C LEU C 95 23.17 -7.93 -9.37
N TRP C 96 21.97 -8.13 -8.82
CA TRP C 96 21.72 -9.27 -7.95
C TRP C 96 22.03 -10.57 -8.68
N ARG C 97 21.62 -10.66 -9.95
CA ARG C 97 21.93 -11.85 -10.72
C ARG C 97 23.46 -12.06 -10.86
N ARG C 98 24.19 -11.01 -11.22
CA ARG C 98 25.64 -11.12 -11.35
C ARG C 98 26.26 -11.54 -10.01
N ALA C 99 25.73 -10.99 -8.90
CA ALA C 99 26.26 -11.27 -7.58
C ALA C 99 26.03 -12.70 -7.17
N LEU C 100 24.84 -13.23 -7.46
CA LEU C 100 24.60 -14.64 -7.18
C LEU C 100 25.65 -15.49 -7.89
N LEU C 101 25.88 -15.22 -9.17
CA LEU C 101 26.79 -16.03 -9.95
C LEU C 101 28.23 -15.85 -9.46
N ALA C 102 28.63 -14.60 -9.23
CA ALA C 102 29.96 -14.34 -8.68
C ALA C 102 30.20 -15.09 -7.37
N ALA C 103 29.23 -15.04 -6.44
CA ALA C 103 29.43 -15.66 -5.13
C ALA C 103 29.74 -17.16 -5.24
N THR C 104 29.32 -17.83 -6.32
CA THR C 104 29.66 -19.25 -6.46
C THR C 104 31.15 -19.49 -6.71
N GLU C 105 31.90 -18.45 -7.05
CA GLU C 105 33.33 -18.57 -7.32
C GLU C 105 34.20 -18.33 -6.09
N MET C 106 33.59 -17.93 -4.99
CA MET C 106 34.31 -17.49 -3.80
C MET C 106 34.07 -18.46 -2.66
N ASP C 107 35.11 -18.67 -1.84
CA ASP C 107 34.94 -19.44 -0.62
C ASP C 107 34.37 -18.56 0.49
N ARG C 108 34.81 -17.30 0.52
CA ARG C 108 34.38 -16.28 1.45
C ARG C 108 34.09 -15.01 0.65
N ILE C 109 33.41 -14.07 1.27
CA ILE C 109 33.11 -12.81 0.60
C ILE C 109 33.46 -11.64 1.50
N LEU C 110 34.16 -10.66 0.94
CA LEU C 110 34.50 -9.44 1.64
C LEU C 110 34.06 -8.25 0.80
N VAL C 111 33.45 -7.27 1.47
CA VAL C 111 32.85 -6.12 0.80
C VAL C 111 33.82 -5.43 -0.15
N PRO C 112 35.01 -4.99 0.29
CA PRO C 112 35.84 -4.19 -0.62
C PRO C 112 36.17 -4.94 -1.89
N ASN C 113 36.21 -6.26 -1.81
CA ASN C 113 36.63 -7.10 -2.91
C ASN C 113 35.49 -7.39 -3.87
N PHE C 114 34.36 -7.86 -3.36
CA PHE C 114 33.14 -7.89 -4.15
C PHE C 114 32.98 -6.56 -4.92
N SER C 115 33.18 -5.43 -4.22
CA SER C 115 33.05 -4.12 -4.85
C SER C 115 33.84 -4.05 -6.16
N ARG C 116 35.07 -4.57 -6.15
CA ARG C 116 35.92 -4.52 -7.34
C ARG C 116 35.57 -5.62 -8.33
N ARG C 117 35.21 -6.81 -7.85
CA ARG C 117 34.86 -7.91 -8.75
C ARG C 117 33.68 -7.55 -9.65
N LEU C 118 32.67 -6.87 -9.10
CA LEU C 118 31.51 -6.46 -9.89
C LEU C 118 31.57 -4.99 -10.29
N GLY C 119 32.53 -4.24 -9.79
CA GLY C 119 32.70 -2.89 -10.25
C GLY C 119 31.67 -1.95 -9.68
N VAL C 120 31.34 -2.10 -8.41
CA VAL C 120 30.31 -1.30 -7.76
C VAL C 120 30.92 -0.67 -6.51
N GLU C 121 30.26 0.38 -6.01
CA GLU C 121 30.73 1.08 -4.83
C GLU C 121 30.66 0.16 -3.61
N ILE C 122 31.18 0.66 -2.49
CA ILE C 122 31.25 -0.14 -1.26
C ILE C 122 29.87 -0.35 -0.69
N THR C 123 29.08 0.72 -0.61
CA THR C 123 27.74 0.61 -0.06
C THR C 123 26.87 -0.30 -0.93
N VAL C 124 27.09 -0.29 -2.25
CA VAL C 124 26.35 -1.17 -3.13
C VAL C 124 26.68 -2.63 -2.84
N ALA C 125 27.97 -2.94 -2.70
CA ALA C 125 28.39 -4.32 -2.48
C ALA C 125 28.06 -4.81 -1.08
N HIS C 126 28.05 -3.91 -0.08
CA HIS C 126 27.60 -4.34 1.24
C HIS C 126 26.14 -4.76 1.16
N GLY C 127 25.31 -3.96 0.49
CA GLY C 127 23.91 -4.33 0.31
C GLY C 127 23.76 -5.72 -0.28
N LEU C 128 24.51 -6.01 -1.35
CA LEU C 128 24.37 -7.30 -2.01
C LEU C 128 24.70 -8.42 -1.05
N ILE C 129 25.79 -8.26 -0.30
CA ILE C 129 26.24 -9.32 0.61
C ILE C 129 25.27 -9.46 1.78
N ASN C 130 24.82 -8.34 2.34
CA ASN C 130 23.78 -8.42 3.36
C ASN C 130 22.60 -9.22 2.84
N ARG C 131 22.26 -9.04 1.56
CA ARG C 131 21.12 -9.77 1.02
C ARG C 131 21.42 -11.25 0.88
N LEU C 132 22.63 -11.59 0.47
CA LEU C 132 23.02 -12.99 0.42
C LEU C 132 22.96 -13.64 1.79
N GLU C 133 23.29 -12.89 2.82
CA GLU C 133 23.24 -13.45 4.17
C GLU C 133 21.81 -13.74 4.60
N LYS C 134 20.89 -12.79 4.39
CA LYS C 134 19.51 -12.98 4.84
C LYS C 134 18.85 -14.16 4.16
N GLU C 135 19.25 -14.48 2.92
CA GLU C 135 18.66 -15.59 2.20
C GLU C 135 19.26 -16.92 2.60
N GLY C 136 20.32 -16.91 3.40
CA GLY C 136 21.00 -18.12 3.79
C GLY C 136 22.04 -18.60 2.80
N TYR C 137 22.52 -17.71 1.92
CA TYR C 137 23.50 -18.13 0.91
C TYR C 137 24.91 -17.89 1.37
N CYS C 138 25.11 -17.01 2.35
CA CYS C 138 26.39 -16.86 3.01
C CYS C 138 26.14 -16.80 4.51
N GLN C 139 27.17 -17.13 5.28
CA GLN C 139 27.07 -17.15 6.72
C GLN C 139 27.41 -15.77 7.30
N ASN C 140 27.38 -15.67 8.62
CA ASN C 140 27.66 -14.40 9.29
C ASN C 140 29.15 -14.12 9.26
N ALA C 141 29.50 -12.85 9.39
CA ALA C 141 30.89 -12.42 9.35
C ALA C 141 31.64 -12.80 10.62
N GLY C 147 34.93 -11.37 6.67
CA GLY C 147 34.34 -12.02 5.52
C GLY C 147 33.32 -13.07 5.90
N ARG C 148 32.50 -13.48 4.93
CA ARG C 148 31.43 -14.45 5.15
C ARG C 148 31.66 -15.70 4.33
N LEU C 149 31.49 -16.86 4.96
CA LEU C 149 31.58 -18.13 4.28
C LEU C 149 30.38 -18.32 3.38
N VAL C 150 30.62 -18.56 2.09
CA VAL C 150 29.56 -18.84 1.13
C VAL C 150 29.06 -20.27 1.33
N ASN C 151 27.74 -20.44 1.42
CA ASN C 151 27.12 -21.77 1.41
C ASN C 151 26.89 -22.12 -0.05
N LYS C 152 27.94 -22.65 -0.69
CA LYS C 152 27.88 -22.93 -2.12
C LYS C 152 26.78 -23.93 -2.46
N GLU C 153 26.41 -24.80 -1.53
CA GLU C 153 25.40 -25.80 -1.84
C GLU C 153 24.04 -25.17 -2.04
N LYS C 154 23.60 -24.36 -1.06
CA LYS C 154 22.30 -23.71 -1.15
C LYS C 154 22.27 -22.69 -2.29
N LEU C 155 23.30 -21.83 -2.36
CA LEU C 155 23.41 -20.87 -3.45
C LEU C 155 23.17 -21.53 -4.79
N LYS C 156 23.92 -22.59 -5.06
CA LYS C 156 23.90 -23.21 -6.38
C LYS C 156 22.60 -23.96 -6.64
N SER C 157 21.92 -24.41 -5.60
CA SER C 157 20.71 -25.20 -5.84
C SER C 157 19.46 -24.34 -5.69
N GLU C 158 19.18 -23.90 -4.47
CA GLU C 158 17.92 -23.20 -4.22
C GLU C 158 17.97 -21.76 -4.71
N GLY C 159 19.12 -21.10 -4.59
CA GLY C 159 19.24 -19.74 -5.09
C GLY C 159 19.02 -19.65 -6.59
N PHE C 160 19.56 -20.60 -7.34
CA PHE C 160 19.40 -20.56 -8.79
C PHE C 160 17.99 -20.94 -9.19
N LYS C 161 17.36 -21.87 -8.47
CA LYS C 161 15.97 -22.23 -8.76
C LYS C 161 15.04 -21.03 -8.52
N MLY C 162 15.31 -20.32 -7.44
CA MLY C 162 14.48 -19.20 -7.02
CB MLY C 162 14.87 -18.80 -5.60
CG MLY C 162 14.14 -17.54 -5.08
CD MLY C 162 14.34 -17.33 -3.58
CE MLY C 162 13.55 -16.15 -3.07
NZ MLY C 162 13.77 -15.85 -1.67
CH1 MLY C 162 13.22 -14.55 -1.35
CH2 MLY C 162 13.15 -16.87 -0.90
C MLY C 162 14.62 -17.99 -7.95
O MLY C 162 13.60 -17.32 -8.28
H MLY C 162 15.98 -20.46 -6.92
HA MLY C 162 13.55 -19.47 -7.06
HB2 MLY C 162 15.83 -18.64 -5.56
HB3 MLY C 162 14.69 -19.54 -5.01
HG2 MLY C 162 13.19 -17.62 -5.26
HG3 MLY C 162 14.44 -16.76 -5.56
HD2 MLY C 162 15.29 -17.21 -3.41
HD3 MLY C 162 14.08 -18.15 -3.12
HE2 MLY C 162 12.60 -16.30 -3.21
HE3 MLY C 162 13.77 -15.35 -3.59
HH11 MLY C 162 13.31 -14.37 -0.41
HH12 MLY C 162 12.28 -14.53 -1.58
HH13 MLY C 162 13.68 -13.86 -1.86
HH21 MLY C 162 13.23 -16.66 0.05
HH22 MLY C 162 13.58 -17.72 -1.08
HH23 MLY C 162 12.21 -16.94 -1.13
N TYR C 163 15.86 -17.70 -8.37
CA TYR C 163 16.09 -16.49 -9.12
C TYR C 163 16.38 -16.63 -10.59
N PHE C 164 16.74 -17.83 -11.05
CA PHE C 164 17.13 -18.00 -12.45
C PHE C 164 16.19 -18.88 -13.26
N GLU C 165 15.37 -19.70 -12.62
CA GLU C 165 14.42 -20.57 -13.31
C GLU C 165 13.14 -19.80 -13.65
N LYS C 166 12.66 -19.94 -14.90
CA LYS C 166 11.47 -19.19 -15.32
C LYS C 166 10.17 -19.72 -14.71
ZN ZN D . -3.85 16.32 -13.04
ZN ZN E . -3.60 4.15 -9.59
NI NI F . -17.37 13.38 2.44
ZN ZN G . -9.05 3.99 18.67
ZN ZN H . -21.52 4.12 20.55
ZN ZN I . 19.46 -5.04 -28.45
ZN ZN J . 25.03 -7.07 -17.18
#